data_4BJP
#
_entry.id   4BJP
#
_cell.length_a   119.025
_cell.length_b   119.025
_cell.length_c   139.251
_cell.angle_alpha   90.00
_cell.angle_beta   90.00
_cell.angle_gamma   120.00
#
_symmetry.space_group_name_H-M   'P 61 2 2'
#
loop_
_entity.id
_entity.type
_entity.pdbx_description
1 polymer 'PENICILLIN BINDING PROTEIN TRANSPEPTIDASE DOMAIN PROTEIN'
2 non-polymer 'SULFATE ION'
3 non-polymer '3-CYCLOHEXYL-1-PROPYLSULFONIC ACID'
4 non-polymer GLYCEROL
5 non-polymer 1,2-ETHANEDIOL
6 non-polymer 'CHLORIDE ION'
7 water water
#
_entity_poly.entity_id   1
_entity_poly.type   'polypeptide(L)'
_entity_poly.pdbx_seq_one_letter_code
;VSTSRGMITDRSGRPLAVSVPVKAIWADPKEVHDAGGISVGDRWKALANALNIPLDQLSARINANPKGRFIYLARQVNPD
MADYIKKLKLPGIHLREESRRYYPSGEVTAHLIGFTNVDSQGIEGVEKSFDKWLTGQPGERIVRKDRYGRVIEDISSTDS
QAAHNLALSIDERLQALVYRELNNAVAFNKAESGSAVLVDVNTGEVLAMANSPSYNPNNLSGTPKEAMRNRTITDVFEPG
STVKPMVVMTALQRGVVRENSVLNTIPYRINGHEIKDVARYSELTLTGVLQKSSNVGVSKLALAMPSSALVDTYSRFGLG
KATNLGLVGERSGLYPQKQRWSDIERATFSFGYGLMVTPLQLARVYATIGSYGIYRPLSITKVDPPVPGERVFPESIVRT
VVHMMESVALPGGGGVKAAIKGYRIAIKTGTAKKVGPDGRYINKYIAYTAGVAPASQPRFALVVVINDPQAGKYYGGAVS
APVFGAIMGGVLRTMNIEPDALTTGDKNEFV
;
_entity_poly.pdbx_strand_id   A
#
# COMPACT_ATOMS: atom_id res chain seq x y z
N ARG A 5 -25.58 -16.66 -8.83
CA ARG A 5 -24.38 -15.85 -8.47
C ARG A 5 -23.19 -16.67 -7.95
N GLY A 6 -22.05 -16.54 -8.62
CA GLY A 6 -20.86 -17.27 -8.23
C GLY A 6 -20.31 -16.89 -6.88
N MET A 7 -19.61 -17.83 -6.25
CA MET A 7 -18.94 -17.65 -4.98
C MET A 7 -17.62 -16.87 -5.20
N ILE A 8 -17.37 -15.86 -4.36
CA ILE A 8 -16.05 -15.25 -4.29
C ILE A 8 -15.29 -15.97 -3.18
N THR A 9 -14.13 -16.53 -3.52
CA THR A 9 -13.31 -17.21 -2.52
C THR A 9 -11.94 -16.54 -2.41
N ASP A 10 -11.16 -16.93 -1.41
CA ASP A 10 -9.77 -16.49 -1.33
C ASP A 10 -8.91 -17.37 -2.25
N ARG A 11 -7.59 -17.20 -2.25
CA ARG A 11 -6.71 -17.92 -3.21
C ARG A 11 -6.73 -19.44 -3.03
N SER A 12 -7.12 -19.91 -1.85
CA SER A 12 -7.20 -21.35 -1.61
C SER A 12 -8.63 -21.92 -1.52
N GLY A 13 -9.62 -21.15 -1.94
CA GLY A 13 -11.01 -21.62 -1.89
C GLY A 13 -11.84 -21.23 -0.67
N ARG A 14 -11.22 -20.66 0.36
CA ARG A 14 -11.94 -20.15 1.53
C ARG A 14 -13.02 -19.15 1.11
N PRO A 15 -14.28 -19.37 1.53
CA PRO A 15 -15.40 -18.55 1.04
C PRO A 15 -15.42 -17.13 1.61
N LEU A 16 -15.63 -16.17 0.73
CA LEU A 16 -15.59 -14.77 1.08
C LEU A 16 -16.90 -14.10 0.69
N ALA A 17 -17.58 -14.65 -0.31
CA ALA A 17 -18.96 -14.28 -0.63
C ALA A 17 -19.70 -15.52 -1.13
N VAL A 18 -20.83 -15.82 -0.50
CA VAL A 18 -21.61 -17.00 -0.83
C VAL A 18 -23.07 -16.64 -0.95
N SER A 19 -23.71 -17.10 -2.02
CA SER A 19 -25.15 -16.88 -2.18
C SER A 19 -25.95 -17.83 -1.29
N VAL A 20 -26.92 -17.23 -0.61
CA VAL A 20 -27.73 -17.95 0.36
C VAL A 20 -29.21 -17.84 -0.03
N PRO A 21 -29.89 -19.00 -0.14
CA PRO A 21 -31.34 -19.09 -0.42
C PRO A 21 -32.19 -18.40 0.66
N VAL A 22 -32.94 -17.38 0.23
CA VAL A 22 -33.96 -16.73 1.05
C VAL A 22 -35.27 -16.59 0.28
N LYS A 23 -36.39 -16.60 1.00
CA LYS A 23 -37.69 -16.46 0.36
C LYS A 23 -38.19 -15.02 0.52
N ALA A 24 -39.03 -14.57 -0.41
CA ALA A 24 -39.72 -13.27 -0.32
C ALA A 24 -41.24 -13.46 -0.12
N ILE A 25 -41.96 -12.39 0.25
CA ILE A 25 -43.40 -12.47 0.51
C ILE A 25 -44.14 -11.30 -0.14
N TRP A 26 -45.03 -11.63 -1.10
CA TRP A 26 -45.63 -10.63 -2.00
C TRP A 26 -47.11 -10.32 -1.75
N LEU A 47 -49.26 -13.99 10.48
CA LEU A 47 -48.64 -13.18 9.43
C LEU A 47 -48.18 -11.82 9.97
N ALA A 48 -49.08 -11.12 10.64
CA ALA A 48 -48.77 -9.79 11.21
C ALA A 48 -47.66 -9.88 12.27
N ASN A 49 -47.68 -10.95 13.05
CA ASN A 49 -46.67 -11.20 14.09
C ASN A 49 -45.30 -11.53 13.50
N ALA A 50 -45.24 -12.54 12.64
CA ALA A 50 -43.99 -13.01 12.05
C ALA A 50 -43.33 -11.94 11.18
N LEU A 51 -44.09 -11.39 10.24
CA LEU A 51 -43.54 -10.41 9.29
C LEU A 51 -43.43 -9.00 9.88
N ASN A 52 -44.17 -8.72 10.95
CA ASN A 52 -44.23 -7.40 11.59
C ASN A 52 -45.16 -6.48 10.81
N GLN A 76 -36.36 -10.87 1.97
CA GLN A 76 -35.13 -11.37 2.58
C GLN A 76 -35.45 -12.25 3.79
N VAL A 77 -36.56 -12.98 3.69
CA VAL A 77 -37.09 -13.79 4.79
C VAL A 77 -36.40 -15.16 4.86
N ASN A 78 -36.06 -15.57 6.08
CA ASN A 78 -35.51 -16.89 6.39
C ASN A 78 -36.39 -18.06 5.87
N PRO A 79 -35.76 -19.16 5.40
CA PRO A 79 -36.47 -20.37 4.96
C PRO A 79 -37.43 -21.00 5.99
N ASP A 80 -37.06 -20.98 7.26
CA ASP A 80 -37.90 -21.57 8.32
C ASP A 80 -39.12 -20.73 8.65
N MET A 81 -39.10 -19.46 8.25
CA MET A 81 -40.21 -18.54 8.53
C MET A 81 -41.15 -18.38 7.32
N ALA A 82 -40.62 -18.62 6.12
CA ALA A 82 -41.44 -18.63 4.91
C ALA A 82 -42.37 -19.85 4.88
N ASP A 83 -41.90 -20.96 5.45
CA ASP A 83 -42.65 -22.22 5.52
C ASP A 83 -43.80 -22.11 6.52
N TYR A 84 -43.51 -21.48 7.66
CA TYR A 84 -44.53 -21.16 8.67
C TYR A 84 -45.56 -20.16 8.13
N ILE A 85 -45.30 -19.65 6.92
CA ILE A 85 -46.26 -18.79 6.21
C ILE A 85 -46.66 -19.44 4.90
N GLU A 97 -36.18 -18.56 -4.05
CA GLU A 97 -37.19 -17.63 -4.56
C GLU A 97 -36.55 -16.25 -4.79
N GLU A 98 -35.78 -15.78 -3.80
CA GLU A 98 -34.91 -14.63 -3.97
C GLU A 98 -33.53 -15.09 -3.46
N SER A 99 -32.57 -14.19 -3.39
CA SER A 99 -31.27 -14.56 -2.86
C SER A 99 -30.63 -13.41 -2.10
N ARG A 100 -29.73 -13.75 -1.19
CA ARG A 100 -28.90 -12.73 -0.58
C ARG A 100 -27.52 -13.25 -0.29
N ARG A 101 -26.64 -12.31 -0.03
CA ARG A 101 -25.26 -12.62 0.08
C ARG A 101 -24.85 -12.74 1.54
N TYR A 102 -24.05 -13.77 1.83
CA TYR A 102 -23.40 -13.89 3.11
C TYR A 102 -21.88 -13.72 3.02
N TYR A 103 -21.32 -12.95 3.93
CA TYR A 103 -19.90 -12.59 3.87
C TYR A 103 -19.13 -13.12 5.07
N PRO A 104 -18.47 -14.27 4.92
CA PRO A 104 -17.94 -14.92 6.13
C PRO A 104 -16.81 -14.20 6.85
N SER A 105 -16.05 -13.36 6.16
CA SER A 105 -14.99 -12.64 6.86
C SER A 105 -15.51 -11.30 7.32
N GLY A 106 -16.75 -10.97 6.94
CA GLY A 106 -17.40 -9.72 7.31
C GLY A 106 -16.56 -8.47 6.99
N GLU A 107 -16.26 -7.73 8.05
CA GLU A 107 -15.57 -6.45 7.94
C GLU A 107 -14.08 -6.57 7.54
N VAL A 108 -13.50 -7.75 7.72
CA VAL A 108 -12.09 -8.00 7.41
C VAL A 108 -11.74 -7.67 5.94
N THR A 109 -12.65 -8.05 5.04
CA THR A 109 -12.45 -7.88 3.60
C THR A 109 -13.57 -7.07 2.95
N ALA A 110 -14.25 -6.25 3.73
CA ALA A 110 -15.47 -5.57 3.23
C ALA A 110 -15.19 -4.60 2.09
N HIS A 111 -14.16 -3.76 2.25
CA HIS A 111 -13.82 -2.75 1.25
C HIS A 111 -13.48 -3.39 -0.09
N LEU A 112 -12.71 -4.47 -0.04
CA LEU A 112 -12.38 -5.19 -1.25
C LEU A 112 -13.59 -5.87 -1.91
N ILE A 113 -14.34 -6.66 -1.15
CA ILE A 113 -15.41 -7.49 -1.72
C ILE A 113 -16.67 -6.71 -2.11
N GLY A 114 -16.99 -5.69 -1.33
CA GLY A 114 -18.16 -4.85 -1.61
C GLY A 114 -19.41 -5.58 -1.22
N PHE A 115 -20.53 -5.23 -1.88
CA PHE A 115 -21.83 -5.84 -1.61
C PHE A 115 -22.80 -5.69 -2.78
N THR A 116 -23.87 -6.45 -2.70
CA THR A 116 -24.91 -6.42 -3.69
C THR A 116 -26.11 -5.69 -3.10
N ASN A 117 -27.08 -5.34 -3.95
CA ASN A 117 -28.36 -4.75 -3.52
C ASN A 117 -29.39 -5.84 -3.29
N VAL A 118 -30.65 -5.45 -3.09
CA VAL A 118 -31.76 -6.40 -2.87
C VAL A 118 -31.88 -7.47 -3.98
N ASP A 119 -31.70 -7.04 -5.22
CA ASP A 119 -31.90 -7.91 -6.38
C ASP A 119 -30.70 -8.80 -6.74
N SER A 120 -29.67 -8.77 -5.90
CA SER A 120 -28.43 -9.53 -6.12
C SER A 120 -27.49 -8.96 -7.19
N GLN A 121 -27.72 -7.71 -7.58
CA GLN A 121 -26.78 -6.94 -8.40
C GLN A 121 -25.62 -6.38 -7.54
N GLY A 122 -24.40 -6.44 -8.08
CA GLY A 122 -23.22 -5.90 -7.41
C GLY A 122 -23.23 -4.39 -7.39
N ILE A 123 -22.97 -3.82 -6.22
CA ILE A 123 -23.07 -2.39 -6.03
C ILE A 123 -21.73 -1.75 -5.64
N GLU A 124 -20.85 -2.50 -4.97
CA GLU A 124 -19.54 -1.99 -4.60
C GLU A 124 -18.46 -3.06 -4.70
N GLY A 125 -17.21 -2.62 -4.83
CA GLY A 125 -16.05 -3.52 -4.75
C GLY A 125 -16.04 -4.62 -5.79
N VAL A 126 -15.55 -5.80 -5.41
CA VAL A 126 -15.48 -6.94 -6.31
C VAL A 126 -16.87 -7.32 -6.84
N GLU A 127 -17.86 -7.31 -5.95
CA GLU A 127 -19.26 -7.61 -6.31
C GLU A 127 -19.70 -6.78 -7.51
N LYS A 128 -19.42 -5.48 -7.52
CA LYS A 128 -19.75 -4.69 -8.71
C LYS A 128 -18.75 -4.84 -9.86
N SER A 129 -17.45 -4.89 -9.52
CA SER A 129 -16.38 -4.89 -10.51
C SER A 129 -16.41 -6.13 -11.38
N PHE A 130 -16.73 -7.27 -10.79
CA PHE A 130 -16.83 -8.51 -11.53
C PHE A 130 -18.26 -9.05 -11.61
N ASP A 131 -19.23 -8.12 -11.65
CA ASP A 131 -20.65 -8.48 -11.67
C ASP A 131 -21.03 -9.39 -12.82
N LYS A 132 -20.60 -9.04 -14.04
CA LYS A 132 -20.91 -9.86 -15.23
C LYS A 132 -20.27 -11.24 -15.19
N TRP A 133 -19.04 -11.34 -14.70
CA TRP A 133 -18.37 -12.63 -14.50
C TRP A 133 -19.15 -13.51 -13.48
N LEU A 134 -19.68 -12.88 -12.44
CA LEU A 134 -20.38 -13.56 -11.36
C LEU A 134 -21.85 -13.87 -11.64
N THR A 135 -22.41 -13.27 -12.70
CA THR A 135 -23.85 -13.26 -12.92
C THR A 135 -24.26 -13.81 -14.27
N ALA A 163 -22.16 -17.83 -15.33
CA ALA A 163 -22.21 -17.61 -13.87
C ALA A 163 -21.07 -18.35 -13.17
N HIS A 164 -19.97 -17.63 -12.94
CA HIS A 164 -18.73 -18.25 -12.49
C HIS A 164 -18.32 -17.85 -11.08
N ASN A 165 -17.66 -18.78 -10.41
CA ASN A 165 -16.90 -18.45 -9.22
C ASN A 165 -15.69 -17.58 -9.56
N LEU A 166 -15.12 -16.98 -8.53
CA LEU A 166 -14.00 -16.07 -8.63
C LEU A 166 -13.07 -16.30 -7.44
N ALA A 167 -11.89 -16.81 -7.74
CA ALA A 167 -10.84 -16.97 -6.77
C ALA A 167 -9.99 -15.71 -6.77
N LEU A 168 -10.05 -14.97 -5.66
CA LEU A 168 -9.17 -13.82 -5.49
C LEU A 168 -7.74 -14.24 -5.21
N SER A 169 -6.81 -13.31 -5.39
CA SER A 169 -5.42 -13.53 -5.03
C SER A 169 -5.21 -13.51 -3.50
N ILE A 170 -6.09 -12.81 -2.79
CA ILE A 170 -6.05 -12.68 -1.34
C ILE A 170 -5.85 -14.01 -0.62
N ASP A 171 -5.01 -14.00 0.43
CA ASP A 171 -4.94 -15.14 1.34
C ASP A 171 -5.57 -14.70 2.65
N GLU A 172 -6.70 -15.33 2.99
CA GLU A 172 -7.51 -14.87 4.11
C GLU A 172 -6.79 -14.83 5.46
N ARG A 173 -5.82 -15.72 5.68
CA ARG A 173 -5.05 -15.70 6.93
C ARG A 173 -4.27 -14.39 6.96
N LEU A 174 -3.69 -14.03 5.82
CA LEU A 174 -2.90 -12.80 5.75
C LEU A 174 -3.82 -11.59 5.87
N GLN A 175 -4.93 -11.63 5.16
CA GLN A 175 -5.94 -10.58 5.25
C GLN A 175 -6.41 -10.34 6.69
N ALA A 176 -6.71 -11.42 7.41
CA ALA A 176 -7.21 -11.30 8.79
C ALA A 176 -6.16 -10.69 9.74
N LEU A 177 -4.91 -11.13 9.63
CA LEU A 177 -3.84 -10.59 10.51
C LEU A 177 -3.56 -9.14 10.18
N VAL A 178 -3.50 -8.83 8.88
CA VAL A 178 -3.31 -7.45 8.43
C VAL A 178 -4.40 -6.55 9.01
N TYR A 179 -5.66 -6.96 8.83
CA TYR A 179 -6.79 -6.19 9.33
C TYR A 179 -6.70 -5.98 10.83
N ARG A 180 -6.41 -7.07 11.54
CA ARG A 180 -6.32 -7.04 13.00
C ARG A 180 -5.30 -6.00 13.49
N GLU A 181 -4.10 -6.03 12.92
CA GLU A 181 -3.05 -5.11 13.36
C GLU A 181 -3.39 -3.69 12.95
N LEU A 182 -3.92 -3.52 11.74
CA LEU A 182 -4.20 -2.19 11.20
C LEU A 182 -5.37 -1.54 11.93
N ASN A 183 -6.42 -2.33 12.16
CA ASN A 183 -7.58 -1.86 12.86
C ASN A 183 -7.22 -1.41 14.26
N ASN A 184 -6.49 -2.24 14.99
CA ASN A 184 -6.11 -1.87 16.34
C ASN A 184 -5.13 -0.71 16.41
N ALA A 185 -4.21 -0.63 15.45
CA ALA A 185 -3.34 0.56 15.35
C ALA A 185 -4.14 1.82 15.07
N VAL A 186 -5.15 1.75 14.21
CA VAL A 186 -5.95 2.94 13.92
C VAL A 186 -6.67 3.40 15.20
N ALA A 187 -7.27 2.43 15.91
CA ALA A 187 -7.92 2.69 17.21
C ALA A 187 -6.94 3.32 18.24
N PHE A 188 -5.82 2.64 18.48
CA PHE A 188 -4.82 3.08 19.47
C PHE A 188 -4.31 4.52 19.26
N ASN A 189 -4.02 4.88 18.01
CA ASN A 189 -3.53 6.23 17.67
C ASN A 189 -4.67 7.20 17.38
N LYS A 190 -5.90 6.77 17.62
CA LYS A 190 -7.07 7.60 17.35
C LYS A 190 -6.93 8.32 15.99
N ALA A 191 -6.73 7.55 14.94
CA ALA A 191 -6.56 8.12 13.59
C ALA A 191 -7.90 8.14 12.85
N GLU A 192 -8.01 8.94 11.79
CA GLU A 192 -9.21 8.95 10.94
C GLU A 192 -9.42 7.60 10.22
N SER A 193 -8.33 7.02 9.74
CA SER A 193 -8.36 5.78 8.96
C SER A 193 -6.96 5.24 8.80
N GLY A 194 -6.88 4.03 8.26
CA GLY A 194 -5.60 3.38 7.93
C GLY A 194 -5.78 2.41 6.78
N SER A 195 -4.70 2.04 6.12
CA SER A 195 -4.80 1.21 4.92
C SER A 195 -3.56 0.36 4.86
N ALA A 196 -3.69 -0.82 4.30
CA ALA A 196 -2.56 -1.74 4.22
C ALA A 196 -2.73 -2.57 2.99
N VAL A 197 -1.63 -2.69 2.23
CA VAL A 197 -1.62 -3.52 1.05
C VAL A 197 -0.40 -4.43 1.13
N LEU A 198 -0.59 -5.70 0.83
CA LEU A 198 0.50 -6.66 0.83
C LEU A 198 0.60 -7.32 -0.55
N VAL A 199 1.78 -7.30 -1.16
CA VAL A 199 1.94 -7.83 -2.53
C VAL A 199 3.02 -8.89 -2.57
N ASP A 200 2.75 -9.98 -3.31
CA ASP A 200 3.72 -11.04 -3.52
C ASP A 200 4.73 -10.52 -4.54
N VAL A 201 6.01 -10.51 -4.17
CA VAL A 201 7.08 -9.92 -4.96
C VAL A 201 7.30 -10.67 -6.28
N ASN A 202 6.97 -11.94 -6.30
CA ASN A 202 7.28 -12.78 -7.45
C ASN A 202 6.15 -12.90 -8.46
N THR A 203 4.94 -12.51 -8.05
CA THR A 203 3.77 -12.74 -8.90
C THR A 203 2.91 -11.51 -9.23
N GLY A 204 3.07 -10.42 -8.49
CA GLY A 204 2.16 -9.29 -8.62
C GLY A 204 0.85 -9.44 -7.85
N GLU A 205 0.64 -10.60 -7.22
CA GLU A 205 -0.63 -10.86 -6.53
C GLU A 205 -0.84 -9.95 -5.33
N VAL A 206 -2.05 -9.45 -5.18
CA VAL A 206 -2.42 -8.77 -3.95
C VAL A 206 -2.83 -9.84 -2.92
N LEU A 207 -1.99 -10.03 -1.90
CA LEU A 207 -2.24 -11.08 -0.89
C LEU A 207 -3.12 -10.58 0.28
N ALA A 208 -3.13 -9.28 0.49
CA ALA A 208 -3.97 -8.62 1.51
C ALA A 208 -4.19 -7.17 1.11
N MET A 209 -5.40 -6.68 1.35
CA MET A 209 -5.81 -5.33 1.00
C MET A 209 -6.87 -4.96 2.03
N ALA A 210 -6.51 -4.07 2.96
CA ALA A 210 -7.37 -3.78 4.12
C ALA A 210 -7.37 -2.31 4.51
N ASN A 211 -8.49 -1.85 5.06
CA ASN A 211 -8.58 -0.53 5.66
C ASN A 211 -9.33 -0.60 6.99
N SER A 212 -9.24 0.48 7.75
CA SER A 212 -9.94 0.64 8.99
C SER A 212 -10.14 2.14 9.11
N PRO A 213 -11.33 2.60 9.56
CA PRO A 213 -12.51 1.82 9.98
C PRO A 213 -13.13 1.04 8.84
N SER A 214 -13.73 -0.09 9.17
CA SER A 214 -14.42 -0.92 8.18
C SER A 214 -15.90 -0.94 8.54
N TYR A 215 -16.61 -1.92 8.00
CA TYR A 215 -18.06 -2.02 8.20
C TYR A 215 -18.47 -3.46 7.94
N ASN A 216 -19.62 -3.87 8.49
CA ASN A 216 -20.10 -5.22 8.26
C ASN A 216 -21.03 -5.33 7.07
N PRO A 217 -20.55 -5.94 5.98
CA PRO A 217 -21.39 -6.04 4.79
C PRO A 217 -22.62 -6.96 4.94
N ASN A 218 -22.65 -7.81 5.97
CA ASN A 218 -23.82 -8.64 6.27
C ASN A 218 -25.00 -7.84 6.84
N ASN A 219 -24.74 -6.58 7.18
CA ASN A 219 -25.76 -5.67 7.69
C ASN A 219 -25.35 -4.21 7.44
N LEU A 220 -25.80 -3.67 6.32
CA LEU A 220 -25.51 -2.29 5.95
C LEU A 220 -26.57 -1.40 6.57
N SER A 221 -26.26 -0.86 7.75
CA SER A 221 -27.20 0.00 8.46
C SER A 221 -26.53 0.80 9.56
N GLY A 222 -26.75 2.11 9.50
CA GLY A 222 -26.05 3.05 10.36
C GLY A 222 -24.57 3.14 10.03
N THR A 223 -24.14 2.56 8.89
CA THR A 223 -22.73 2.71 8.44
C THR A 223 -22.55 3.96 7.55
N PRO A 224 -21.75 4.95 8.04
CA PRO A 224 -21.48 6.20 7.31
C PRO A 224 -20.71 5.92 6.03
N LYS A 225 -21.00 6.71 4.99
CA LYS A 225 -20.33 6.57 3.69
C LYS A 225 -18.80 6.61 3.72
N GLU A 226 -18.23 7.46 4.58
CA GLU A 226 -16.76 7.57 4.67
C GLU A 226 -16.03 6.28 5.11
N ALA A 227 -16.76 5.34 5.73
CA ALA A 227 -16.17 4.08 6.19
C ALA A 227 -16.23 3.00 5.10
N MET A 228 -16.79 3.34 3.95
CA MET A 228 -16.98 2.37 2.87
C MET A 228 -15.95 2.37 1.73
N ARG A 229 -15.26 3.49 1.51
CA ARG A 229 -14.24 3.59 0.46
C ARG A 229 -13.15 2.56 0.69
N ASN A 230 -12.78 1.85 -0.36
CA ASN A 230 -11.50 1.15 -0.37
C ASN A 230 -10.33 2.16 -0.56
N ARG A 231 -9.78 2.65 0.56
CA ARG A 231 -8.82 3.73 0.54
C ARG A 231 -7.50 3.31 -0.07
N THR A 232 -7.22 2.01 -0.07
CA THR A 232 -6.04 1.49 -0.71
C THR A 232 -5.98 1.90 -2.19
N ILE A 233 -7.14 2.06 -2.81
CA ILE A 233 -7.19 2.43 -4.24
C ILE A 233 -7.82 3.80 -4.52
N THR A 234 -8.59 4.35 -3.58
CA THR A 234 -9.30 5.62 -3.80
C THR A 234 -8.62 6.84 -3.19
N ASP A 235 -7.80 6.64 -2.17
CA ASP A 235 -7.16 7.75 -1.50
C ASP A 235 -5.74 7.87 -2.00
N VAL A 236 -5.25 9.10 -1.97
CA VAL A 236 -3.95 9.41 -2.53
C VAL A 236 -3.25 10.24 -1.48
N PHE A 237 -1.92 10.18 -1.48
CA PHE A 237 -1.11 10.99 -0.58
C PHE A 237 0.28 11.19 -1.20
N GLU A 238 0.98 12.20 -0.70
CA GLU A 238 2.31 12.51 -1.16
C GLU A 238 3.19 11.47 -0.50
N PRO A 239 3.99 10.75 -1.30
CA PRO A 239 4.74 9.59 -0.81
C PRO A 239 5.99 9.89 0.02
N GLY A 240 6.37 11.16 0.13
CA GLY A 240 7.46 11.56 1.04
C GLY A 240 8.71 10.69 0.95
N SER A 241 9.19 10.18 2.08
CA SER A 241 10.49 9.49 2.13
C SER A 241 10.55 8.17 1.38
N THR A 242 9.38 7.59 1.10
CA THR A 242 9.31 6.30 0.41
C THR A 242 9.90 6.35 -1.00
N VAL A 243 10.03 7.54 -1.58
CA VAL A 243 10.66 7.62 -2.91
C VAL A 243 12.17 7.65 -2.84
N LYS A 244 12.71 7.99 -1.68
CA LYS A 244 14.14 8.21 -1.52
C LYS A 244 15.05 7.09 -2.00
N PRO A 245 14.66 5.81 -1.78
CA PRO A 245 15.53 4.74 -2.33
C PRO A 245 15.69 4.83 -3.84
N MET A 246 14.69 5.36 -4.54
CA MET A 246 14.76 5.50 -6.01
C MET A 246 15.72 6.61 -6.44
N VAL A 247 15.81 7.64 -5.62
CA VAL A 247 16.74 8.72 -5.84
C VAL A 247 18.17 8.19 -5.81
N VAL A 248 18.49 7.42 -4.77
CA VAL A 248 19.80 6.80 -4.66
C VAL A 248 20.11 5.83 -5.80
N MET A 249 19.13 5.02 -6.20
CA MET A 249 19.35 4.11 -7.33
C MET A 249 19.67 4.88 -8.61
N THR A 250 18.86 5.89 -8.91
CA THR A 250 19.05 6.70 -10.11
C THR A 250 20.44 7.33 -10.15
N ALA A 251 20.84 7.89 -9.00
CA ALA A 251 22.05 8.71 -8.92
C ALA A 251 23.30 7.81 -9.04
N LEU A 252 23.22 6.60 -8.48
CA LEU A 252 24.31 5.64 -8.66
C LEU A 252 24.41 5.22 -10.12
N GLN A 253 23.24 5.02 -10.71
CA GLN A 253 23.14 4.52 -12.05
C GLN A 253 23.71 5.50 -13.06
N ARG A 254 23.55 6.79 -12.74
CA ARG A 254 23.97 7.85 -13.64
C ARG A 254 25.32 8.44 -13.30
N GLY A 255 26.02 7.85 -12.33
CA GLY A 255 27.37 8.27 -12.01
C GLY A 255 27.48 9.66 -11.43
N VAL A 256 26.40 10.11 -10.81
CA VAL A 256 26.37 11.40 -10.14
C VAL A 256 27.10 11.24 -8.81
N VAL A 257 27.22 9.99 -8.36
CA VAL A 257 27.74 9.67 -7.04
C VAL A 257 28.34 8.28 -7.09
N ARG A 258 29.30 8.00 -6.22
CA ARG A 258 29.94 6.69 -6.08
C ARG A 258 29.44 6.10 -4.76
N GLU A 259 29.51 4.78 -4.62
CA GLU A 259 29.16 4.10 -3.34
C GLU A 259 30.02 4.56 -2.17
N ASN A 260 31.21 5.05 -2.53
CA ASN A 260 32.26 5.65 -1.68
C ASN A 260 31.95 6.99 -1.04
N SER A 261 31.00 7.71 -1.62
CA SER A 261 30.90 9.13 -1.39
C SER A 261 30.35 9.47 -0.02
N VAL A 262 30.95 10.50 0.59
CA VAL A 262 30.37 11.13 1.78
C VAL A 262 29.82 12.48 1.36
N LEU A 263 28.55 12.70 1.61
CA LEU A 263 27.85 13.89 1.17
C LEU A 263 27.79 14.96 2.24
N ASN A 264 27.90 16.22 1.82
CA ASN A 264 27.61 17.38 2.66
C ASN A 264 26.10 17.45 2.84
N THR A 265 25.63 17.25 4.07
CA THR A 265 24.18 17.28 4.33
C THR A 265 23.76 18.40 5.29
N ILE A 266 24.55 19.47 5.32
CA ILE A 266 24.20 20.69 6.04
C ILE A 266 22.94 21.32 5.40
N PRO A 267 21.96 21.74 6.22
CA PRO A 267 20.76 22.45 5.73
C PRO A 267 21.13 23.67 4.88
N TYR A 268 20.33 23.98 3.87
CA TYR A 268 20.60 25.08 2.97
C TYR A 268 19.29 25.64 2.37
N ARG A 269 19.42 26.72 1.60
CA ARG A 269 18.29 27.39 0.97
C ARG A 269 18.39 27.36 -0.56
N ILE A 270 17.23 27.21 -1.21
CA ILE A 270 17.18 27.25 -2.67
C ILE A 270 16.88 28.66 -3.18
N ASN A 271 15.74 29.23 -2.79
CA ASN A 271 15.64 30.70 -2.78
C ASN A 271 15.64 31.16 -1.33
N GLY A 272 14.45 31.24 -0.73
CA GLY A 272 14.31 31.28 0.72
C GLY A 272 13.72 29.97 1.25
N HIS A 273 13.58 28.98 0.35
CA HIS A 273 13.03 27.67 0.73
C HIS A 273 14.07 26.87 1.56
N GLU A 274 13.72 26.54 2.80
CA GLU A 274 14.63 25.78 3.66
C GLU A 274 14.58 24.31 3.32
N ILE A 275 15.76 23.71 3.13
CA ILE A 275 15.89 22.28 2.91
C ILE A 275 16.64 21.74 4.12
N LYS A 276 15.95 20.93 4.93
CA LYS A 276 16.52 20.41 6.17
C LYS A 276 15.96 19.04 6.55
N ASP A 277 16.70 18.33 7.39
CA ASP A 277 16.30 17.00 7.84
C ASP A 277 15.67 17.09 9.22
N VAL A 278 15.17 15.96 9.73
CA VAL A 278 14.58 15.89 11.07
C VAL A 278 15.57 16.39 12.10
N ALA A 279 16.81 15.87 12.03
CA ALA A 279 17.89 16.39 12.87
C ALA A 279 19.06 16.87 11.99
N ARG A 280 20.02 17.57 12.58
CA ARG A 280 21.16 18.06 11.83
C ARG A 280 22.21 16.95 11.66
N TYR A 281 22.62 16.71 10.43
CA TYR A 281 23.78 15.88 10.20
C TYR A 281 24.71 16.60 9.25
N SER A 282 25.95 16.80 9.72
CA SER A 282 26.95 17.54 8.98
C SER A 282 27.25 16.82 7.66
N GLU A 283 27.42 15.50 7.74
CA GLU A 283 27.76 14.70 6.57
C GLU A 283 27.19 13.28 6.67
N LEU A 284 26.90 12.66 5.53
CA LEU A 284 26.40 11.30 5.51
C LEU A 284 26.88 10.46 4.33
N THR A 285 26.95 9.18 4.60
CA THR A 285 27.19 8.12 3.66
C THR A 285 25.92 7.88 2.80
N LEU A 286 26.06 7.20 1.65
CA LEU A 286 24.82 6.91 0.90
C LEU A 286 23.82 6.15 1.78
N THR A 287 24.30 5.10 2.46
CA THR A 287 23.52 4.40 3.47
C THR A 287 22.93 5.39 4.50
N GLY A 288 23.74 6.33 4.96
CA GLY A 288 23.33 7.28 6.00
C GLY A 288 22.19 8.12 5.50
N VAL A 289 22.23 8.48 4.21
CA VAL A 289 21.21 9.30 3.56
C VAL A 289 19.86 8.58 3.63
N LEU A 290 19.87 7.25 3.52
CA LEU A 290 18.63 6.49 3.68
C LEU A 290 18.33 6.23 5.15
N GLN A 291 19.36 5.88 5.91
CA GLN A 291 19.23 5.57 7.34
C GLN A 291 18.60 6.72 8.13
N LYS A 292 19.01 7.94 7.84
CA LYS A 292 18.49 9.11 8.55
C LYS A 292 17.44 9.83 7.73
N SER A 293 17.09 9.24 6.59
CA SER A 293 16.12 9.80 5.65
C SER A 293 16.41 11.27 5.32
N SER A 294 17.65 11.55 4.91
CA SER A 294 18.05 12.94 4.66
C SER A 294 17.45 13.58 3.39
N ASN A 295 16.61 14.59 3.58
CA ASN A 295 16.11 15.43 2.48
C ASN A 295 17.23 16.24 1.83
N VAL A 296 18.20 16.64 2.63
CA VAL A 296 19.36 17.36 2.13
C VAL A 296 20.12 16.45 1.18
N GLY A 297 20.52 15.29 1.68
CA GLY A 297 21.21 14.28 0.87
C GLY A 297 20.55 14.10 -0.47
N VAL A 298 19.27 13.71 -0.47
CA VAL A 298 18.59 13.37 -1.74
C VAL A 298 18.36 14.57 -2.66
N SER A 299 18.07 15.74 -2.11
CA SER A 299 17.98 16.95 -2.95
C SER A 299 19.27 17.31 -3.72
N LYS A 300 20.43 17.02 -3.13
CA LYS A 300 21.71 17.26 -3.78
C LYS A 300 21.97 16.26 -4.91
N LEU A 301 21.61 15.00 -4.67
CA LEU A 301 21.61 13.98 -5.73
C LEU A 301 20.70 14.36 -6.90
N ALA A 302 19.53 14.90 -6.57
CA ALA A 302 18.53 15.26 -7.59
C ALA A 302 19.01 16.43 -8.43
N LEU A 303 19.51 17.47 -7.76
CA LEU A 303 20.02 18.65 -8.46
C LEU A 303 21.29 18.34 -9.25
N ALA A 304 21.99 17.26 -8.92
CA ALA A 304 23.14 16.84 -9.74
C ALA A 304 22.70 16.16 -11.05
N MET A 305 21.39 16.00 -11.25
CA MET A 305 20.96 15.38 -12.48
C MET A 305 19.79 16.04 -13.19
N PRO A 306 19.57 15.66 -14.45
CA PRO A 306 18.50 16.37 -15.13
C PRO A 306 17.16 16.06 -14.47
N SER A 307 16.24 17.02 -14.57
CA SER A 307 14.95 16.95 -13.88
C SER A 307 14.21 15.73 -14.38
N SER A 308 14.55 15.31 -15.60
CA SER A 308 13.87 14.19 -16.20
C SER A 308 14.26 12.85 -15.60
N ALA A 309 15.41 12.77 -14.91
CA ALA A 309 15.89 11.47 -14.37
C ALA A 309 14.89 10.83 -13.42
N LEU A 310 14.54 11.51 -12.32
CA LEU A 310 13.58 10.98 -11.35
C LEU A 310 12.18 10.75 -11.93
N VAL A 311 11.74 11.60 -12.86
CA VAL A 311 10.47 11.46 -13.56
C VAL A 311 10.41 10.10 -14.26
N ASP A 312 11.51 9.76 -14.93
CA ASP A 312 11.76 8.48 -15.57
C ASP A 312 11.79 7.31 -14.57
N THR A 313 12.54 7.46 -13.48
CA THR A 313 12.63 6.35 -12.50
C THR A 313 11.31 6.08 -11.77
N TYR A 314 10.68 7.12 -11.21
CA TYR A 314 9.41 6.90 -10.52
C TYR A 314 8.36 6.26 -11.44
N SER A 315 8.36 6.64 -12.72
CA SER A 315 7.44 6.07 -13.72
C SER A 315 7.71 4.61 -14.01
N ARG A 316 8.98 4.22 -13.99
CA ARG A 316 9.38 2.85 -14.26
C ARG A 316 8.82 1.96 -13.16
N PHE A 317 8.71 2.55 -11.97
CA PHE A 317 8.26 1.84 -10.78
C PHE A 317 6.75 1.91 -10.64
N GLY A 318 6.11 2.63 -11.58
CA GLY A 318 4.67 2.63 -11.71
C GLY A 318 3.96 3.85 -11.18
N LEU A 319 4.70 4.81 -10.63
CA LEU A 319 4.04 6.03 -10.11
C LEU A 319 3.45 6.81 -11.30
N GLY A 320 2.33 7.48 -11.05
CA GLY A 320 1.52 8.08 -12.12
C GLY A 320 0.82 7.15 -13.11
N LYS A 321 0.91 5.83 -12.93
CA LYS A 321 0.35 4.83 -13.85
C LYS A 321 -0.76 4.00 -13.21
N ALA A 322 -1.76 3.63 -14.02
CA ALA A 322 -2.92 2.91 -13.52
C ALA A 322 -2.48 1.57 -12.92
N THR A 323 -3.20 1.13 -11.89
CA THR A 323 -2.89 -0.16 -11.23
C THR A 323 -3.64 -1.34 -11.82
N ASN A 324 -4.69 -1.06 -12.60
CA ASN A 324 -5.36 -2.09 -13.41
C ASN A 324 -5.88 -3.35 -12.71
N LEU A 325 -6.33 -3.25 -11.46
CA LEU A 325 -6.99 -4.39 -10.82
C LEU A 325 -8.38 -4.71 -11.40
N GLY A 326 -9.07 -3.68 -11.90
CA GLY A 326 -10.45 -3.82 -12.41
C GLY A 326 -11.52 -3.39 -11.42
N LEU A 327 -11.06 -2.77 -10.34
CA LEU A 327 -11.90 -2.40 -9.25
C LEU A 327 -12.49 -1.02 -9.47
N VAL A 328 -13.78 -0.88 -9.19
CA VAL A 328 -14.41 0.42 -9.33
C VAL A 328 -13.79 1.39 -8.32
N GLY A 329 -13.61 2.65 -8.74
CA GLY A 329 -13.05 3.70 -7.87
C GLY A 329 -11.53 3.69 -7.83
N GLU A 330 -10.92 2.79 -8.59
CA GLU A 330 -9.44 2.68 -8.68
C GLU A 330 -8.80 3.93 -9.30
N ARG A 331 -7.88 4.52 -8.56
CA ARG A 331 -7.25 5.77 -8.92
C ARG A 331 -5.78 5.57 -9.29
N SER A 332 -5.24 6.50 -10.06
CA SER A 332 -3.86 6.41 -10.52
C SER A 332 -2.94 7.51 -9.99
N GLY A 333 -3.28 8.05 -8.82
CA GLY A 333 -2.48 9.11 -8.18
C GLY A 333 -2.50 10.46 -8.87
N LEU A 334 -1.49 11.28 -8.57
CA LEU A 334 -1.29 12.56 -9.24
C LEU A 334 0.17 12.62 -9.63
N TYR A 335 0.44 13.06 -10.85
CA TYR A 335 1.79 12.96 -11.38
C TYR A 335 2.14 14.19 -12.23
N PRO A 336 3.32 14.80 -11.98
CA PRO A 336 3.67 15.99 -12.75
C PRO A 336 3.67 15.72 -14.27
N GLN A 337 3.29 16.72 -15.05
CA GLN A 337 3.46 16.70 -16.50
C GLN A 337 4.08 18.05 -16.89
N LYS A 338 5.39 18.13 -16.73
CA LYS A 338 6.16 19.39 -16.73
C LYS A 338 7.40 19.18 -17.55
N GLN A 339 7.67 20.07 -18.52
CA GLN A 339 8.99 20.09 -19.17
C GLN A 339 10.00 20.90 -18.35
N ARG A 340 9.56 22.00 -17.74
CA ARG A 340 10.46 22.90 -16.99
C ARG A 340 10.25 22.90 -15.48
N TRP A 341 11.32 22.57 -14.77
CA TRP A 341 11.30 22.42 -13.35
C TRP A 341 12.18 23.51 -12.76
N SER A 342 11.65 24.21 -11.75
CA SER A 342 12.47 25.08 -10.94
C SER A 342 13.36 24.20 -10.02
N ASP A 343 14.34 24.83 -9.36
CA ASP A 343 15.26 24.12 -8.50
C ASP A 343 14.53 23.52 -7.32
N ILE A 344 13.68 24.30 -6.67
CA ILE A 344 12.95 23.80 -5.50
C ILE A 344 12.04 22.60 -5.85
N GLU A 345 11.41 22.65 -7.01
CA GLU A 345 10.50 21.58 -7.42
C GLU A 345 11.31 20.32 -7.59
N ARG A 346 12.45 20.44 -8.27
CA ARG A 346 13.41 19.34 -8.44
C ARG A 346 13.87 18.74 -7.11
N ALA A 347 14.12 19.60 -6.11
CA ALA A 347 14.47 19.14 -4.79
C ALA A 347 13.32 18.38 -4.08
N THR A 348 12.11 18.93 -4.10
CA THR A 348 10.97 18.36 -3.35
C THR A 348 10.46 17.08 -3.98
N PHE A 349 10.72 16.90 -5.29
CA PHE A 349 10.43 15.63 -5.94
C PHE A 349 11.30 14.51 -5.36
N SER A 350 12.54 14.85 -5.02
CA SER A 350 13.49 13.84 -4.55
C SER A 350 13.11 13.38 -3.14
N PHE A 351 12.36 14.21 -2.41
CA PHE A 351 11.84 13.72 -1.13
C PHE A 351 10.33 13.56 -1.08
N GLY A 352 9.75 13.36 -2.27
CA GLY A 352 8.41 12.80 -2.41
C GLY A 352 7.25 13.77 -2.28
N TYR A 353 7.45 15.02 -2.69
CA TYR A 353 6.37 16.00 -2.77
C TYR A 353 6.15 16.44 -4.20
N GLY A 354 4.92 16.83 -4.54
CA GLY A 354 4.60 17.25 -5.91
C GLY A 354 4.12 16.10 -6.77
N LEU A 355 3.95 14.95 -6.14
CA LEU A 355 3.17 13.87 -6.73
C LEU A 355 2.33 13.26 -5.57
N MET A 356 1.31 12.48 -5.92
CA MET A 356 0.52 11.74 -4.95
C MET A 356 0.34 10.30 -5.47
N VAL A 357 0.33 9.35 -4.53
CA VAL A 357 0.16 7.92 -4.81
C VAL A 357 -1.03 7.32 -4.04
N THR A 358 -1.55 6.19 -4.55
CA THR A 358 -2.42 5.33 -3.73
C THR A 358 -1.55 4.34 -2.95
N PRO A 359 -2.03 3.92 -1.77
CA PRO A 359 -1.32 2.82 -1.11
C PRO A 359 -1.01 1.67 -2.08
N LEU A 360 -1.91 1.38 -3.02
CA LEU A 360 -1.64 0.27 -3.94
C LEU A 360 -0.47 0.54 -4.90
N GLN A 361 -0.36 1.76 -5.46
CA GLN A 361 0.77 2.10 -6.34
C GLN A 361 2.09 2.00 -5.57
N LEU A 362 2.10 2.46 -4.32
CA LEU A 362 3.29 2.38 -3.47
C LEU A 362 3.72 0.93 -3.21
N ALA A 363 2.73 0.05 -3.00
CA ALA A 363 2.96 -1.38 -2.87
C ALA A 363 3.63 -1.94 -4.12
N ARG A 364 3.22 -1.43 -5.28
CA ARG A 364 3.80 -1.89 -6.53
C ARG A 364 5.21 -1.31 -6.71
N VAL A 365 5.48 -0.11 -6.19
CA VAL A 365 6.82 0.42 -6.20
C VAL A 365 7.67 -0.57 -5.41
N TYR A 366 7.23 -0.87 -4.21
CA TYR A 366 8.02 -1.72 -3.34
C TYR A 366 8.12 -3.18 -3.83
N ALA A 367 7.14 -3.66 -4.58
CA ALA A 367 7.34 -4.98 -5.19
C ALA A 367 8.39 -4.95 -6.29
N THR A 368 8.56 -3.80 -6.97
CA THR A 368 9.54 -3.70 -8.04
C THR A 368 10.93 -3.52 -7.43
N ILE A 369 10.99 -2.91 -6.24
CA ILE A 369 12.21 -2.88 -5.47
C ILE A 369 12.58 -4.32 -5.02
N GLY A 370 11.59 -5.03 -4.49
CA GLY A 370 11.82 -6.39 -4.00
C GLY A 370 12.28 -7.41 -5.03
N SER A 371 11.92 -7.22 -6.29
CA SER A 371 12.30 -8.17 -7.33
C SER A 371 13.64 -7.74 -7.91
N TYR A 372 14.20 -6.68 -7.35
CA TYR A 372 15.45 -6.11 -7.81
C TYR A 372 15.33 -5.56 -9.21
N GLY A 373 14.19 -4.91 -9.49
CA GLY A 373 14.04 -4.15 -10.72
C GLY A 373 13.15 -4.78 -11.75
N ILE A 374 12.41 -5.80 -11.38
CA ILE A 374 11.47 -6.43 -12.30
C ILE A 374 10.05 -5.91 -12.02
N TYR A 375 9.48 -5.23 -13.00
CA TYR A 375 8.11 -4.73 -12.94
C TYR A 375 7.13 -5.81 -13.41
N ARG A 376 6.12 -6.05 -12.59
CA ARG A 376 5.07 -7.03 -12.84
C ARG A 376 3.74 -6.34 -12.61
N PRO A 377 2.77 -6.58 -13.49
CA PRO A 377 1.44 -6.02 -13.24
C PRO A 377 0.80 -6.68 -12.01
N LEU A 378 -0.01 -5.93 -11.27
CA LEU A 378 -0.75 -6.43 -10.10
C LEU A 378 -1.99 -7.23 -10.49
N SER A 379 -2.54 -8.01 -9.55
CA SER A 379 -3.70 -8.86 -9.79
C SER A 379 -4.47 -9.05 -8.48
N ILE A 380 -5.78 -8.79 -8.45
CA ILE A 380 -6.59 -9.30 -7.32
C ILE A 380 -7.16 -10.68 -7.55
N THR A 381 -6.86 -11.28 -8.70
CA THR A 381 -7.27 -12.67 -8.89
C THR A 381 -6.02 -13.55 -8.82
N LYS A 382 -6.24 -14.80 -8.44
CA LYS A 382 -5.17 -15.77 -8.30
C LYS A 382 -4.42 -15.93 -9.62
N VAL A 383 -3.10 -16.04 -9.54
CA VAL A 383 -2.26 -16.13 -10.73
C VAL A 383 -1.24 -17.22 -10.52
N ASP A 384 -1.05 -18.09 -11.51
CA ASP A 384 0.02 -19.09 -11.41
C ASP A 384 1.39 -18.58 -11.89
N PRO A 385 2.46 -18.83 -11.09
CA PRO A 385 3.82 -18.57 -11.54
C PRO A 385 4.19 -19.51 -12.72
N PRO A 386 5.22 -19.15 -13.50
CA PRO A 386 6.04 -17.96 -13.33
C PRO A 386 5.43 -16.70 -14.00
N VAL A 387 5.76 -15.53 -13.49
CA VAL A 387 5.39 -14.25 -14.10
C VAL A 387 6.67 -13.52 -14.42
N PRO A 388 7.09 -13.56 -15.71
CA PRO A 388 8.37 -12.97 -16.10
C PRO A 388 8.48 -11.47 -15.76
N GLY A 389 7.42 -10.71 -16.04
CA GLY A 389 7.45 -9.24 -15.90
C GLY A 389 8.48 -8.56 -16.81
N GLU A 390 8.86 -7.33 -16.47
CA GLU A 390 9.74 -6.51 -17.34
C GLU A 390 10.81 -5.83 -16.51
N ARG A 391 12.06 -6.04 -16.86
CA ARG A 391 13.10 -5.39 -16.11
C ARG A 391 13.14 -3.89 -16.46
N VAL A 392 13.01 -3.05 -15.43
CA VAL A 392 12.97 -1.62 -15.61
C VAL A 392 14.18 -0.91 -14.98
N PHE A 393 14.94 -1.65 -14.18
CA PHE A 393 16.11 -1.07 -13.58
C PHE A 393 17.14 -2.16 -13.31
N PRO A 394 18.45 -1.84 -13.42
CA PRO A 394 19.46 -2.89 -13.26
C PRO A 394 19.48 -3.51 -11.87
N GLU A 395 19.47 -4.83 -11.85
CA GLU A 395 19.50 -5.64 -10.62
C GLU A 395 20.55 -5.21 -9.60
N SER A 396 21.79 -5.03 -10.05
CA SER A 396 22.89 -4.78 -9.11
C SER A 396 22.68 -3.47 -8.35
N ILE A 397 22.09 -2.49 -9.03
CA ILE A 397 21.79 -1.19 -8.41
C ILE A 397 20.69 -1.34 -7.35
N VAL A 398 19.63 -2.05 -7.69
CA VAL A 398 18.55 -2.25 -6.76
C VAL A 398 19.00 -3.10 -5.57
N ARG A 399 19.79 -4.16 -5.81
CA ARG A 399 20.32 -4.97 -4.68
C ARG A 399 21.09 -4.08 -3.73
N THR A 400 21.98 -3.26 -4.29
CA THR A 400 22.79 -2.33 -3.48
C THR A 400 21.93 -1.45 -2.58
N VAL A 401 20.89 -0.85 -3.16
CA VAL A 401 20.03 0.07 -2.43
C VAL A 401 19.14 -0.64 -1.40
N VAL A 402 18.62 -1.83 -1.75
CA VAL A 402 17.93 -2.67 -0.76
C VAL A 402 18.83 -2.95 0.45
N HIS A 403 20.10 -3.25 0.23
CA HIS A 403 21.00 -3.39 1.37
C HIS A 403 21.08 -2.12 2.23
N MET A 404 21.26 -0.96 1.60
CA MET A 404 21.28 0.33 2.28
C MET A 404 20.03 0.54 3.12
N MET A 405 18.89 0.08 2.59
CA MET A 405 17.59 0.24 3.22
C MET A 405 17.47 -0.57 4.52
N GLU A 406 18.24 -1.64 4.65
CA GLU A 406 18.20 -2.43 5.89
C GLU A 406 18.55 -1.58 7.08
N SER A 407 19.35 -0.53 6.86
CA SER A 407 19.80 0.30 7.96
C SER A 407 18.63 1.04 8.63
N VAL A 408 17.56 1.29 7.87
CA VAL A 408 16.42 2.08 8.39
C VAL A 408 15.76 1.41 9.59
N ALA A 409 15.76 0.08 9.58
CA ALA A 409 15.17 -0.74 10.64
C ALA A 409 16.20 -1.30 11.64
N LEU A 410 17.42 -0.75 11.62
CA LEU A 410 18.49 -1.10 12.56
C LEU A 410 18.72 0.12 13.45
N PRO A 411 19.36 -0.06 14.64
CA PRO A 411 19.67 1.06 15.54
C PRO A 411 20.25 2.26 14.78
N GLY A 412 19.73 3.46 15.03
CA GLY A 412 20.17 4.66 14.33
C GLY A 412 19.24 5.04 13.20
N GLY A 413 18.53 4.05 12.64
CA GLY A 413 17.55 4.29 11.58
C GLY A 413 16.20 4.70 12.15
N GLY A 414 15.39 5.41 11.37
CA GLY A 414 14.10 5.93 11.86
C GLY A 414 12.98 4.89 12.00
N GLY A 415 13.21 3.72 11.41
CA GLY A 415 12.21 2.67 11.42
C GLY A 415 12.56 1.53 12.37
N VAL A 416 13.42 1.82 13.35
CA VAL A 416 13.88 0.81 14.32
C VAL A 416 12.73 0.03 14.99
N LYS A 417 11.61 0.71 15.25
CA LYS A 417 10.44 0.07 15.85
C LYS A 417 9.73 -0.94 14.93
N ALA A 418 10.14 -1.01 13.65
CA ALA A 418 9.61 -2.03 12.71
C ALA A 418 10.37 -3.37 12.72
N ALA A 419 11.51 -3.44 13.42
CA ALA A 419 12.36 -4.63 13.49
C ALA A 419 11.60 -5.88 13.90
N ILE A 420 11.97 -6.99 13.25
CA ILE A 420 11.38 -8.32 13.49
C ILE A 420 12.48 -9.28 13.92
N LYS A 421 12.36 -9.78 15.15
CA LYS A 421 13.26 -10.80 15.66
C LYS A 421 13.45 -11.88 14.60
N GLY A 422 14.69 -12.10 14.16
CA GLY A 422 15.02 -13.19 13.23
C GLY A 422 14.94 -12.87 11.74
N TYR A 423 14.61 -11.62 11.41
CA TYR A 423 14.46 -11.26 10.00
C TYR A 423 15.14 -9.95 9.59
N ARG A 424 15.78 -9.97 8.42
CA ARG A 424 16.28 -8.75 7.78
C ARG A 424 15.13 -8.13 7.00
N ILE A 425 14.87 -6.83 7.23
CA ILE A 425 13.86 -6.11 6.47
C ILE A 425 14.41 -4.84 5.83
N ALA A 426 13.80 -4.41 4.73
CA ALA A 426 14.28 -3.21 4.03
C ALA A 426 13.12 -2.26 3.85
N ILE A 427 13.15 -1.15 4.58
CA ILE A 427 11.98 -0.28 4.69
C ILE A 427 12.31 1.21 4.53
N LYS A 428 11.25 1.98 4.28
CA LYS A 428 11.26 3.40 4.49
C LYS A 428 10.02 3.79 5.28
N THR A 429 10.21 4.68 6.23
CA THR A 429 9.13 5.14 7.07
C THR A 429 9.05 6.66 7.04
N GLY A 430 7.89 7.24 7.33
CA GLY A 430 7.82 8.67 7.46
C GLY A 430 6.46 9.34 7.41
N THR A 431 6.47 10.60 7.01
CA THR A 431 5.38 11.49 7.27
C THR A 431 5.17 12.42 6.10
N ALA A 432 3.91 12.79 5.84
CA ALA A 432 3.53 13.78 4.82
C ALA A 432 2.40 14.60 5.38
N LYS A 433 2.42 15.90 5.08
CA LYS A 433 1.39 16.80 5.58
C LYS A 433 0.13 16.61 4.76
N LYS A 434 -1.02 16.66 5.42
CA LYS A 434 -2.31 16.45 4.79
C LYS A 434 -2.78 17.68 4.05
N VAL A 435 -3.45 17.46 2.93
CA VAL A 435 -4.11 18.54 2.19
C VAL A 435 -5.54 18.78 2.73
N GLY A 436 -5.88 20.05 2.99
CA GLY A 436 -7.20 20.43 3.51
C GLY A 436 -8.32 20.49 2.47
N PRO A 437 -9.49 21.04 2.87
CA PRO A 437 -10.67 21.11 1.97
C PRO A 437 -10.34 21.87 0.67
N ASP A 438 -9.88 23.11 0.85
CA ASP A 438 -9.52 24.03 -0.23
C ASP A 438 -8.22 23.68 -0.98
N GLY A 439 -7.68 22.49 -0.73
CA GLY A 439 -6.41 22.08 -1.34
C GLY A 439 -5.18 22.67 -0.68
N ARG A 440 -5.34 23.34 0.46
CA ARG A 440 -4.20 23.90 1.20
C ARG A 440 -3.76 22.97 2.33
N TYR A 441 -2.45 22.93 2.62
CA TYR A 441 -1.94 22.11 3.73
C TYR A 441 -2.57 22.54 5.04
N ILE A 442 -3.09 21.58 5.78
CA ILE A 442 -3.55 21.78 7.16
C ILE A 442 -2.57 21.11 8.12
N ASN A 443 -2.69 21.35 9.42
CA ASN A 443 -1.77 20.71 10.37
C ASN A 443 -2.21 19.33 10.86
N LYS A 444 -2.17 18.37 9.95
CA LYS A 444 -2.53 16.97 10.18
C LYS A 444 -1.65 16.14 9.25
N TYR A 445 -1.37 14.91 9.63
CA TYR A 445 -0.35 14.13 8.96
C TYR A 445 -0.79 12.75 8.52
N ILE A 446 -0.18 12.29 7.43
CA ILE A 446 -0.18 10.87 7.04
C ILE A 446 1.14 10.24 7.51
N ALA A 447 1.07 9.12 8.22
CA ALA A 447 2.25 8.33 8.56
C ALA A 447 2.27 7.04 7.71
N TYR A 448 3.44 6.66 7.22
CA TYR A 448 3.54 5.58 6.26
C TYR A 448 4.81 4.80 6.51
N THR A 449 4.73 3.49 6.29
CA THR A 449 5.90 2.62 6.26
C THR A 449 5.71 1.69 5.08
N ALA A 450 6.75 1.60 4.25
CA ALA A 450 6.76 0.72 3.09
C ALA A 450 8.05 -0.08 3.10
N GLY A 451 7.97 -1.31 2.62
CA GLY A 451 9.13 -2.16 2.65
C GLY A 451 8.93 -3.56 2.13
N VAL A 452 10.03 -4.30 2.16
CA VAL A 452 10.07 -5.66 1.63
C VAL A 452 10.79 -6.57 2.62
N ALA A 453 10.44 -7.85 2.59
CA ALA A 453 11.07 -8.83 3.48
C ALA A 453 10.96 -10.22 2.89
N PRO A 454 11.91 -11.11 3.25
CA PRO A 454 13.13 -10.79 4.01
C PRO A 454 14.21 -10.22 3.09
N ALA A 455 14.95 -9.25 3.57
CA ALA A 455 15.85 -8.46 2.73
C ALA A 455 16.84 -9.27 1.87
N SER A 456 17.21 -10.48 2.29
CA SER A 456 18.19 -11.28 1.53
C SER A 456 17.58 -11.90 0.29
N GLN A 457 16.27 -12.11 0.30
CA GLN A 457 15.53 -12.26 -0.95
C GLN A 457 14.04 -12.00 -0.74
N PRO A 458 13.61 -10.75 -1.02
CA PRO A 458 12.27 -10.31 -0.72
C PRO A 458 11.24 -11.22 -1.35
N ARG A 459 10.19 -11.49 -0.60
CA ARG A 459 9.05 -12.26 -1.06
C ARG A 459 7.79 -11.40 -0.96
N PHE A 460 7.78 -10.48 0.01
CA PHE A 460 6.61 -9.63 0.23
C PHE A 460 6.94 -8.15 0.25
N ALA A 461 6.06 -7.38 -0.35
CA ALA A 461 6.11 -5.94 -0.34
C ALA A 461 4.93 -5.51 0.50
N LEU A 462 5.16 -4.65 1.48
CA LEU A 462 4.05 -4.23 2.31
C LEU A 462 4.03 -2.70 2.47
N VAL A 463 2.82 -2.18 2.49
CA VAL A 463 2.63 -0.76 2.70
C VAL A 463 1.61 -0.56 3.81
N VAL A 464 1.99 0.21 4.82
CA VAL A 464 1.07 0.59 5.89
C VAL A 464 0.92 2.11 5.92
N VAL A 465 -0.32 2.57 5.83
CA VAL A 465 -0.61 4.00 5.84
C VAL A 465 -1.62 4.32 6.93
N ILE A 466 -1.22 5.24 7.81
CA ILE A 466 -2.09 5.69 8.88
C ILE A 466 -2.44 7.17 8.71
N ASN A 467 -3.73 7.44 8.57
CA ASN A 467 -4.24 8.76 8.22
C ASN A 467 -4.67 9.57 9.43
N ASP A 468 -3.96 10.67 9.68
CA ASP A 468 -4.26 11.64 10.74
C ASP A 468 -4.34 11.02 12.14
N PRO A 469 -3.23 10.42 12.62
CA PRO A 469 -3.23 10.00 14.01
C PRO A 469 -3.12 11.21 14.93
N GLN A 470 -3.98 11.26 15.96
CA GLN A 470 -3.95 12.39 16.90
C GLN A 470 -3.13 12.07 18.16
N ALA A 478 6.90 7.54 12.38
CA ALA A 478 7.09 6.15 12.78
C ALA A 478 5.96 5.61 13.68
N VAL A 479 4.77 6.19 13.53
CA VAL A 479 3.54 5.64 14.14
C VAL A 479 3.17 4.34 13.39
N SER A 480 3.57 4.28 12.12
CA SER A 480 3.28 3.13 11.27
C SER A 480 4.32 2.01 11.34
N ALA A 481 5.54 2.34 11.78
CA ALA A 481 6.63 1.36 11.91
C ALA A 481 6.31 0.11 12.75
N PRO A 482 5.79 0.29 13.98
CA PRO A 482 5.43 -0.91 14.77
C PRO A 482 4.38 -1.76 14.07
N VAL A 483 3.42 -1.10 13.42
CA VAL A 483 2.34 -1.80 12.76
C VAL A 483 2.92 -2.65 11.64
N PHE A 484 3.86 -2.07 10.90
CA PHE A 484 4.54 -2.76 9.80
C PHE A 484 5.26 -4.01 10.36
N GLY A 485 5.98 -3.84 11.47
CA GLY A 485 6.72 -4.94 12.05
C GLY A 485 5.80 -6.07 12.42
N ALA A 486 4.73 -5.71 13.14
CA ALA A 486 3.77 -6.71 13.60
C ALA A 486 3.13 -7.38 12.41
N ILE A 487 2.67 -6.62 11.43
CA ILE A 487 2.08 -7.24 10.25
C ILE A 487 3.08 -8.14 9.52
N MET A 488 4.23 -7.58 9.12
CA MET A 488 5.19 -8.36 8.34
C MET A 488 5.70 -9.60 9.09
N GLY A 489 5.93 -9.46 10.40
CA GLY A 489 6.29 -10.58 11.26
C GLY A 489 5.28 -11.70 11.16
N GLY A 490 3.99 -11.38 11.32
CA GLY A 490 2.94 -12.38 11.10
C GLY A 490 2.97 -13.06 9.74
N VAL A 491 3.13 -12.26 8.68
CA VAL A 491 3.15 -12.78 7.31
C VAL A 491 4.26 -13.81 7.14
N LEU A 492 5.46 -13.48 7.61
CA LEU A 492 6.64 -14.32 7.46
C LEU A 492 6.49 -15.65 8.21
N ARG A 493 5.94 -15.56 9.42
CA ARG A 493 5.66 -16.72 10.27
C ARG A 493 4.58 -17.59 9.61
N THR A 494 3.45 -16.99 9.21
CA THR A 494 2.37 -17.75 8.55
C THR A 494 2.84 -18.47 7.29
N MET A 495 3.70 -17.82 6.51
CA MET A 495 4.11 -18.33 5.21
C MET A 495 5.34 -19.25 5.29
N ASN A 496 5.80 -19.50 6.52
CA ASN A 496 6.93 -20.41 6.78
C ASN A 496 8.24 -20.00 6.09
N ILE A 497 8.57 -18.72 6.16
CA ILE A 497 9.80 -18.23 5.57
C ILE A 497 10.96 -18.42 6.56
N GLU A 498 12.06 -18.95 6.05
CA GLU A 498 13.26 -19.21 6.83
C GLU A 498 13.80 -17.93 7.44
N PRO A 499 13.97 -17.89 8.78
CA PRO A 499 14.66 -16.77 9.44
C PRO A 499 15.97 -16.42 8.75
N ASP A 500 16.36 -15.17 8.90
CA ASP A 500 17.19 -14.47 7.92
C ASP A 500 18.38 -13.79 8.56
N ALA A 501 18.26 -13.47 9.84
CA ALA A 501 19.27 -12.68 10.55
C ALA A 501 20.08 -13.58 11.48
#